data_5LYU
#
_entry.id   5LYU
#
_cell.length_a   45.790
_cell.length_b   47.780
_cell.length_c   68.670
_cell.angle_alpha   90.000
_cell.angle_beta   99.050
_cell.angle_gamma   90.000
#
_symmetry.space_group_name_H-M   'P 1 21 1'
#
loop_
_entity.id
_entity.type
_entity.pdbx_description
1 polymer '7SK RNA'
2 non-polymer 'SODIUM ION'
3 non-polymer 'CHLORIDE ION'
4 non-polymer 'MAGNESIUM ION'
5 water water
#
_entity_poly.entity_id   1
_entity_poly.type   'polyribonucleotide'
_entity_poly.pdbx_seq_one_letter_code
;GGGGAUCUGUCACCCCAUUGAUCGCCUUCGGGCUGAUCUGGCUGGCUAGGCGGGUCC(CCC)
;
_entity_poly.pdbx_strand_id   A,B
#
loop_
_chem_comp.id
_chem_comp.type
_chem_comp.name
_chem_comp.formula
A RNA linking ADENOSINE-5'-MONOPHOSPHATE 'C10 H14 N5 O7 P'
C RNA linking CYTIDINE-5'-MONOPHOSPHATE 'C9 H14 N3 O8 P'
CCC RNA linking 'CYTIDINE-5'-PHOSPHATE-2',3'-CYCLIC PHOSPHATE' 'C9 H13 N3 O10 P2'
CL non-polymer 'CHLORIDE ION' 'Cl -1'
G RNA linking GUANOSINE-5'-MONOPHOSPHATE 'C10 H14 N5 O8 P'
MG non-polymer 'MAGNESIUM ION' 'Mg 2'
NA non-polymer 'SODIUM ION' 'Na 1'
U RNA linking URIDINE-5'-MONOPHOSPHATE 'C9 H13 N2 O9 P'
#
# COMPACT_ATOMS: atom_id res chain seq x y z
PC CCC A 58 33.03 -5.25 21.76
O1C CCC A 58 34.13 -4.25 21.95
O2C CCC A 58 33.10 -6.32 20.69
P CCC A 58 29.11 -8.33 26.68
OP1 CCC A 58 30.13 -9.40 27.00
OP2 CCC A 58 28.70 -7.33 27.74
O5' CCC A 58 29.58 -7.51 25.37
C5' CCC A 58 30.37 -8.12 24.34
C4' CCC A 58 30.59 -7.15 23.17
O4' CCC A 58 29.35 -6.75 22.58
C3' CCC A 58 31.35 -5.89 23.56
O3' CCC A 58 32.71 -5.96 23.16
C2' CCC A 58 30.69 -4.80 22.73
O2' CCC A 58 31.60 -4.52 21.66
C1' CCC A 58 29.37 -5.36 22.23
N1 CCC A 58 28.22 -4.62 22.82
C2 CCC A 58 27.56 -3.58 22.10
O2 CCC A 58 27.91 -3.22 20.94
N3 CCC A 58 26.53 -2.91 22.67
C4 CCC A 58 26.09 -3.23 23.91
N4 CCC A 58 25.04 -2.56 24.45
C5 CCC A 58 26.71 -4.24 24.64
C6 CCC A 58 27.78 -4.93 24.06
PC CCC B 58 -26.28 7.32 -28.43
O1C CCC B 58 -25.70 8.71 -28.29
O2C CCC B 58 -26.12 6.48 -29.68
P CCC B 58 -31.95 7.21 -24.34
OP1 CCC B 58 -32.79 8.12 -25.20
OP2 CCC B 58 -32.44 5.80 -24.12
O5' CCC B 58 -30.47 7.09 -24.98
C5' CCC B 58 -29.74 8.22 -25.46
C4' CCC B 58 -28.29 7.84 -25.71
O4' CCC B 58 -27.64 7.34 -24.53
C3' CCC B 58 -28.12 6.75 -26.77
O3' CCC B 58 -27.83 7.34 -28.04
C2' CCC B 58 -26.87 6.00 -26.34
O2' CCC B 58 -25.80 6.49 -27.13
C1' CCC B 58 -26.65 6.36 -24.88
N1 CCC B 58 -26.76 5.12 -24.06
C2 CCC B 58 -25.62 4.26 -23.87
O2 CCC B 58 -24.49 4.51 -24.35
N3 CCC B 58 -25.74 3.13 -23.14
C4 CCC B 58 -26.94 2.78 -22.59
N4 CCC B 58 -27.05 1.63 -21.91
C5 CCC B 58 -28.07 3.58 -22.79
C6 CCC B 58 -27.95 4.76 -23.53
NA NA C . -8.92 -8.60 12.20
CL CL D . -14.06 -19.51 -3.52
MG MG E . -16.82 2.58 13.19
CL CL F . -0.56 14.94 18.05
#